data_1LOG
#
_entry.id   1LOG
#
_cell.length_a   137.100
_cell.length_b   63.300
_cell.length_c   54.600
_cell.angle_alpha   90.00
_cell.angle_beta   90.00
_cell.angle_gamma   90.00
#
_symmetry.space_group_name_H-M   'P 21 21 2'
#
loop_
_entity.id
_entity.type
_entity.pdbx_description
1 polymer 'LEGUME ISOLECTIN I (ALPHA CHAIN)'
2 polymer 'LEGUME ISOLECTIN I (BETA CHAIN)'
3 branched alpha-D-mannopyranose-(1-3)-beta-D-mannopyranose-(1-4)-2-acetamido-2-deoxy-beta-D-glucopyranose
4 non-polymer 'CALCIUM ION'
5 non-polymer 'MANGANESE (II) ION'
6 water water
#
loop_
_entity_poly.entity_id
_entity_poly.type
_entity_poly.pdbx_seq_one_letter_code
_entity_poly.pdbx_strand_id
1 'polypeptide(L)'
;TETTSFSITKFGPDQQNLIFQGDGYTTKERLTLTKAVRNTVGRALYSSPIHIWDSKTGNVANFVTSFTFVIDAPNSYNVA
DGFTFFIAPVDTKPQTGGGYLGVFNSKDYDKTSQTVAVEFDTFYNTAWDPSNGDRHIGIDVNSIKSINTKSWALQNGKEA
NVVIAFNAATNVLTVSLTYPN
;
A,C
2 'polypeptide(L)' ETSYTLNEVVPLKEFVPEWVRIGFSATTGAEFAAHEVLSWYFHSELAGTSSS B,D
#
# COMPACT_ATOMS: atom_id res chain seq x y z
N THR A 1 -15.89 -5.21 -1.14
CA THR A 1 -14.84 -4.85 -2.05
C THR A 1 -13.59 -4.24 -1.43
N GLU A 2 -12.46 -4.83 -1.74
CA GLU A 2 -11.16 -4.39 -1.26
C GLU A 2 -10.23 -4.35 -2.46
N THR A 3 -9.49 -3.28 -2.63
CA THR A 3 -8.61 -3.13 -3.77
C THR A 3 -7.27 -2.56 -3.32
N THR A 4 -6.18 -3.09 -3.83
CA THR A 4 -4.84 -2.54 -3.59
C THR A 4 -4.19 -2.45 -4.99
N SER A 5 -3.52 -1.34 -5.30
CA SER A 5 -2.83 -1.18 -6.59
C SER A 5 -1.63 -0.31 -6.33
N PHE A 6 -0.60 -0.53 -7.12
CA PHE A 6 0.53 0.38 -7.13
C PHE A 6 1.29 0.16 -8.43
N SER A 7 2.09 1.16 -8.82
CA SER A 7 3.02 0.99 -9.92
C SER A 7 4.32 1.74 -9.61
N ILE A 8 5.44 1.09 -9.83
CA ILE A 8 6.74 1.71 -9.69
C ILE A 8 7.41 1.52 -11.05
N THR A 9 7.52 2.59 -11.83
CA THR A 9 8.22 2.56 -13.13
C THR A 9 9.74 2.62 -13.02
N LYS A 10 10.34 3.22 -11.97
CA LYS A 10 11.77 3.38 -11.83
C LYS A 10 11.87 3.45 -10.35
N PHE A 11 12.80 2.71 -9.80
CA PHE A 11 13.00 2.65 -8.37
C PHE A 11 13.99 3.72 -7.94
N GLY A 12 13.70 4.57 -6.97
CA GLY A 12 14.63 5.60 -6.56
C GLY A 12 15.49 5.02 -5.47
N PRO A 13 16.46 5.79 -4.96
CA PRO A 13 17.35 5.40 -3.88
C PRO A 13 16.70 5.13 -2.54
N ASP A 14 15.51 5.67 -2.26
CA ASP A 14 14.83 5.43 -0.96
C ASP A 14 13.39 5.02 -1.27
N GLN A 15 13.16 3.74 -1.55
CA GLN A 15 11.85 3.24 -1.96
C GLN A 15 11.24 2.78 -0.64
N GLN A 16 10.68 3.70 0.12
CA GLN A 16 10.11 3.38 1.41
C GLN A 16 8.88 2.51 1.40
N ASN A 17 8.22 2.27 0.27
CA ASN A 17 7.05 1.42 0.26
C ASN A 17 7.43 0.00 -0.05
N LEU A 18 8.68 -0.38 0.14
CA LEU A 18 9.12 -1.71 -0.16
C LEU A 18 9.84 -2.20 1.08
N ILE A 19 9.84 -3.50 1.37
CA ILE A 19 10.59 -4.05 2.46
C ILE A 19 11.72 -4.85 1.83
N PHE A 20 12.99 -4.60 2.14
CA PHE A 20 14.12 -5.33 1.59
C PHE A 20 14.61 -6.36 2.58
N GLN A 21 14.97 -7.55 2.05
CA GLN A 21 15.53 -8.63 2.82
C GLN A 21 16.76 -9.17 2.08
N GLY A 22 17.69 -9.67 2.85
CA GLY A 22 18.94 -10.18 2.28
C GLY A 22 19.71 -8.98 1.76
N ASP A 23 20.23 -9.07 0.52
CA ASP A 23 20.97 -7.98 -0.08
C ASP A 23 20.10 -7.16 -0.98
N GLY A 24 18.77 -7.20 -0.84
CA GLY A 24 17.93 -6.45 -1.75
C GLY A 24 18.17 -4.98 -1.56
N TYR A 25 18.36 -4.21 -2.62
CA TYR A 25 18.47 -2.78 -2.51
C TYR A 25 18.18 -2.25 -3.90
N THR A 26 18.23 -0.94 -4.01
CA THR A 26 17.71 -0.25 -5.16
C THR A 26 18.92 0.61 -5.58
N THR A 27 19.21 0.65 -6.87
CA THR A 27 20.33 1.39 -7.39
C THR A 27 20.14 1.62 -8.86
N LYS A 28 20.45 2.88 -9.17
CA LYS A 28 20.48 3.41 -10.54
C LYS A 28 19.13 3.11 -11.22
N GLU A 29 18.10 3.44 -10.45
CA GLU A 29 16.69 3.26 -10.81
C GLU A 29 16.18 1.84 -10.95
N ARG A 30 16.95 0.87 -10.51
CA ARG A 30 16.59 -0.52 -10.62
C ARG A 30 16.52 -1.13 -9.24
N LEU A 31 15.72 -2.17 -9.06
CA LEU A 31 15.70 -2.93 -7.81
C LEU A 31 16.72 -4.04 -8.03
N THR A 32 17.83 -4.12 -7.31
CA THR A 32 18.75 -5.21 -7.49
C THR A 32 18.55 -6.19 -6.35
N LEU A 33 18.13 -7.40 -6.75
CA LEU A 33 17.94 -8.48 -5.82
C LEU A 33 19.27 -9.14 -5.44
N THR A 34 20.15 -9.32 -6.44
CA THR A 34 21.42 -10.03 -6.24
C THR A 34 22.43 -9.30 -7.15
N LYS A 35 23.68 -9.23 -6.70
CA LYS A 35 24.84 -8.81 -7.50
C LYS A 35 25.41 -10.07 -8.13
N ALA A 36 26.29 -10.05 -9.13
CA ALA A 36 26.85 -11.27 -9.69
C ALA A 36 27.96 -11.72 -8.75
N VAL A 37 27.55 -12.25 -7.62
CA VAL A 37 28.43 -12.69 -6.56
C VAL A 37 27.86 -14.04 -6.17
N ARG A 38 28.63 -14.95 -5.61
CA ARG A 38 28.05 -16.22 -5.25
C ARG A 38 27.47 -16.30 -3.85
N ASN A 39 26.65 -17.33 -3.63
CA ASN A 39 25.90 -17.56 -2.38
C ASN A 39 25.22 -16.33 -1.78
N THR A 40 24.32 -15.63 -2.49
CA THR A 40 23.58 -14.52 -1.89
C THR A 40 22.09 -14.76 -2.12
N VAL A 41 21.30 -13.97 -1.35
CA VAL A 41 19.84 -13.94 -1.35
C VAL A 41 19.42 -12.48 -1.31
N GLY A 42 18.46 -12.04 -2.10
CA GLY A 42 17.93 -10.71 -1.92
C GLY A 42 16.43 -10.84 -2.13
N ARG A 43 15.60 -10.12 -1.37
CA ARG A 43 14.16 -10.19 -1.62
C ARG A 43 13.63 -8.81 -1.34
N ALA A 44 12.51 -8.46 -1.94
CA ALA A 44 11.88 -7.17 -1.74
C ALA A 44 10.37 -7.48 -1.75
N LEU A 45 9.61 -6.94 -0.79
CA LEU A 45 8.17 -7.18 -0.60
C LEU A 45 7.42 -5.88 -0.70
N TYR A 46 6.18 -5.85 -1.18
CA TYR A 46 5.42 -4.61 -1.11
C TYR A 46 5.06 -4.38 0.38
N SER A 47 5.15 -3.15 0.87
CA SER A 47 4.86 -2.79 2.24
C SER A 47 3.46 -3.17 2.78
N SER A 48 2.35 -2.90 2.12
CA SER A 48 1.02 -3.24 2.59
C SER A 48 0.79 -4.76 2.50
N PRO A 49 0.23 -5.45 3.52
CA PRO A 49 -0.47 -6.73 3.37
C PRO A 49 -1.57 -6.67 2.32
N ILE A 50 -1.86 -7.70 1.52
CA ILE A 50 -2.95 -7.53 0.61
C ILE A 50 -3.90 -8.67 0.97
N HIS A 51 -5.18 -8.35 0.82
CA HIS A 51 -6.26 -9.26 1.16
C HIS A 51 -6.59 -10.10 -0.07
N ILE A 52 -6.19 -11.36 -0.03
CA ILE A 52 -6.31 -12.22 -1.19
C ILE A 52 -7.52 -13.10 -1.10
N TRP A 53 -7.96 -13.58 0.06
CA TRP A 53 -9.25 -14.24 0.12
C TRP A 53 -9.90 -13.94 1.46
N ASP A 54 -11.16 -14.33 1.61
CA ASP A 54 -11.88 -14.04 2.83
C ASP A 54 -12.63 -15.23 3.42
N SER A 55 -12.38 -15.69 4.63
CA SER A 55 -13.09 -16.85 5.20
C SER A 55 -14.58 -16.66 5.46
N LYS A 56 -15.04 -15.45 5.78
CA LYS A 56 -16.46 -15.23 6.03
C LYS A 56 -17.24 -15.55 4.77
N THR A 57 -16.86 -14.93 3.69
CA THR A 57 -17.57 -15.12 2.44
C THR A 57 -17.09 -16.30 1.62
N GLY A 58 -15.85 -16.73 1.80
CA GLY A 58 -15.26 -17.74 0.90
C GLY A 58 -14.76 -17.12 -0.41
N ASN A 59 -14.86 -15.79 -0.58
CA ASN A 59 -14.38 -15.11 -1.79
C ASN A 59 -12.85 -15.05 -1.92
N VAL A 60 -12.32 -15.02 -3.15
CA VAL A 60 -10.88 -14.88 -3.39
C VAL A 60 -10.73 -13.82 -4.52
N ALA A 61 -9.66 -13.04 -4.40
CA ALA A 61 -9.34 -11.92 -5.24
C ALA A 61 -8.99 -12.28 -6.64
N ASN A 62 -9.24 -11.38 -7.58
CA ASN A 62 -8.69 -11.43 -8.91
C ASN A 62 -7.47 -10.54 -8.80
N PHE A 63 -6.33 -10.82 -9.47
CA PHE A 63 -5.16 -9.95 -9.45
C PHE A 63 -4.33 -10.13 -10.69
N VAL A 64 -3.54 -9.08 -10.93
CA VAL A 64 -2.63 -9.03 -12.06
C VAL A 64 -1.38 -8.25 -11.65
N THR A 65 -0.19 -8.75 -11.96
CA THR A 65 1.05 -8.02 -11.74
C THR A 65 1.86 -8.05 -13.06
N SER A 66 2.59 -7.00 -13.40
CA SER A 66 3.49 -7.10 -14.53
C SER A 66 4.80 -6.45 -14.11
N PHE A 67 5.93 -6.97 -14.55
CA PHE A 67 7.22 -6.37 -14.22
C PHE A 67 8.21 -6.59 -15.36
N THR A 68 9.28 -5.82 -15.56
CA THR A 68 10.25 -6.29 -16.53
C THR A 68 11.51 -6.47 -15.68
N PHE A 69 12.18 -7.58 -15.89
CA PHE A 69 13.41 -7.90 -15.16
C PHE A 69 14.57 -8.16 -16.12
N VAL A 70 15.80 -8.23 -15.62
CA VAL A 70 16.98 -8.53 -16.41
C VAL A 70 17.79 -9.54 -15.63
N ILE A 71 18.28 -10.59 -16.26
CA ILE A 71 19.24 -11.47 -15.61
C ILE A 71 20.56 -11.21 -16.34
N ASP A 72 21.63 -10.85 -15.65
CA ASP A 72 22.94 -10.59 -16.27
C ASP A 72 24.03 -11.49 -15.70
N ALA A 73 24.33 -12.56 -16.43
CA ALA A 73 25.32 -13.54 -16.03
C ALA A 73 26.73 -13.29 -16.57
N PRO A 74 27.83 -13.85 -16.03
CA PRO A 74 29.16 -13.75 -16.61
C PRO A 74 29.25 -14.26 -18.03
N ASN A 75 28.41 -15.23 -18.38
CA ASN A 75 28.36 -15.78 -19.74
C ASN A 75 27.10 -16.63 -19.80
N SER A 76 26.69 -17.20 -20.93
CA SER A 76 25.45 -17.95 -21.03
C SER A 76 25.48 -19.41 -20.59
N TYR A 77 26.51 -19.82 -19.89
CA TYR A 77 26.59 -21.18 -19.43
C TYR A 77 26.64 -21.20 -17.92
N ASN A 78 27.33 -20.27 -17.29
CA ASN A 78 27.51 -20.27 -15.84
C ASN A 78 26.48 -19.31 -15.30
N VAL A 79 25.25 -19.81 -15.09
CA VAL A 79 24.12 -19.01 -14.63
C VAL A 79 23.39 -19.69 -13.47
N ALA A 80 23.13 -18.95 -12.39
CA ALA A 80 22.38 -19.50 -11.28
C ALA A 80 21.95 -18.39 -10.33
N ASP A 81 20.87 -18.53 -9.53
CA ASP A 81 19.93 -19.66 -9.61
C ASP A 81 18.58 -19.37 -10.27
N GLY A 82 18.20 -18.10 -10.21
CA GLY A 82 16.96 -17.71 -10.82
C GLY A 82 16.26 -16.69 -9.95
N PHE A 83 15.01 -16.45 -10.28
CA PHE A 83 14.26 -15.34 -9.72
C PHE A 83 12.82 -15.83 -9.52
N THR A 84 12.08 -15.19 -8.62
CA THR A 84 10.76 -15.62 -8.20
C THR A 84 9.81 -14.43 -7.97
N PHE A 85 8.53 -14.51 -8.34
CA PHE A 85 7.51 -13.59 -7.83
C PHE A 85 6.76 -14.47 -6.81
N PHE A 86 6.51 -14.09 -5.56
CA PHE A 86 5.79 -15.00 -4.67
C PHE A 86 4.72 -14.32 -3.82
N ILE A 87 3.82 -15.16 -3.27
CA ILE A 87 2.76 -14.73 -2.37
C ILE A 87 2.99 -15.60 -1.13
N ALA A 88 3.17 -14.97 0.01
CA ALA A 88 3.52 -15.69 1.21
C ALA A 88 2.84 -15.04 2.42
N PRO A 89 2.84 -15.58 3.67
CA PRO A 89 2.36 -14.93 4.88
C PRO A 89 2.98 -13.56 5.09
N VAL A 90 2.28 -12.64 5.75
CA VAL A 90 2.73 -11.29 6.06
C VAL A 90 4.07 -11.26 6.76
N ASP A 91 4.37 -12.21 7.64
CA ASP A 91 5.64 -12.25 8.33
C ASP A 91 6.74 -13.05 7.58
N THR A 92 6.62 -13.35 6.28
CA THR A 92 7.62 -14.11 5.54
C THR A 92 9.03 -13.52 5.61
N LYS A 93 10.02 -14.41 5.76
CA LYS A 93 11.43 -14.02 5.79
C LYS A 93 12.20 -14.96 4.83
N PRO A 94 13.43 -14.70 4.35
CA PRO A 94 14.20 -15.59 3.47
C PRO A 94 14.28 -17.01 4.00
N GLN A 95 14.05 -17.97 3.10
CA GLN A 95 14.18 -19.37 3.45
C GLN A 95 15.54 -19.88 2.91
N THR A 96 15.74 -21.10 2.40
CA THR A 96 17.07 -21.53 1.94
C THR A 96 17.47 -20.86 0.62
N GLY A 97 18.77 -20.53 0.45
CA GLY A 97 19.28 -19.89 -0.76
C GLY A 97 19.60 -20.92 -1.86
N GLY A 98 20.52 -20.56 -2.78
CA GLY A 98 20.93 -21.45 -3.88
C GLY A 98 19.72 -21.90 -4.66
N GLY A 99 19.67 -23.15 -5.10
CA GLY A 99 18.54 -23.73 -5.79
C GLY A 99 17.16 -23.60 -5.15
N TYR A 100 17.03 -23.28 -3.85
CA TYR A 100 15.73 -23.11 -3.20
C TYR A 100 15.10 -21.73 -3.35
N LEU A 101 15.79 -20.91 -4.13
CA LEU A 101 15.42 -19.59 -4.54
C LEU A 101 15.04 -18.60 -3.46
N GLY A 102 15.38 -18.84 -2.18
CA GLY A 102 15.04 -17.89 -1.13
C GLY A 102 13.61 -18.04 -0.60
N VAL A 103 12.81 -19.01 -1.10
CA VAL A 103 11.43 -19.18 -0.68
C VAL A 103 11.03 -20.55 -0.21
N PHE A 104 11.77 -21.62 -0.51
CA PHE A 104 11.36 -22.92 -0.02
C PHE A 104 12.52 -23.58 0.65
N ASN A 105 12.20 -24.72 1.24
CA ASN A 105 13.18 -25.45 1.99
C ASN A 105 13.22 -26.92 1.59
N SER A 106 12.37 -27.45 0.73
CA SER A 106 12.43 -28.86 0.38
C SER A 106 11.68 -29.15 -0.90
N LYS A 107 12.00 -30.28 -1.51
CA LYS A 107 11.30 -30.76 -2.67
C LYS A 107 10.03 -31.46 -2.20
N ASP A 108 9.92 -31.85 -0.93
CA ASP A 108 8.69 -32.41 -0.43
C ASP A 108 7.70 -31.31 -0.10
N TYR A 109 6.42 -31.65 -0.37
CA TYR A 109 5.30 -30.75 -0.10
C TYR A 109 5.25 -30.36 1.35
N ASP A 110 5.25 -29.08 1.66
CA ASP A 110 5.22 -28.67 3.03
C ASP A 110 4.07 -27.71 3.26
N LYS A 111 3.02 -28.15 3.95
CA LYS A 111 1.86 -27.28 4.11
C LYS A 111 2.14 -26.04 4.93
N THR A 112 3.16 -26.11 5.79
CA THR A 112 3.58 -25.01 6.61
C THR A 112 4.14 -23.83 5.80
N SER A 113 4.62 -24.03 4.58
CA SER A 113 5.26 -22.98 3.79
C SER A 113 4.28 -21.87 3.47
N GLN A 114 3.06 -22.25 3.01
CA GLN A 114 1.99 -21.30 2.67
C GLN A 114 2.42 -20.20 1.71
N THR A 115 3.16 -20.67 0.70
CA THR A 115 3.83 -19.84 -0.31
C THR A 115 3.57 -20.41 -1.67
N VAL A 116 3.07 -19.58 -2.57
CA VAL A 116 2.93 -19.97 -3.97
C VAL A 116 3.93 -19.06 -4.66
N ALA A 117 4.64 -19.55 -5.68
CA ALA A 117 5.66 -18.75 -6.33
C ALA A 117 5.70 -19.08 -7.81
N VAL A 118 5.94 -18.08 -8.63
CA VAL A 118 6.20 -18.29 -10.06
C VAL A 118 7.74 -18.13 -10.20
N GLU A 119 8.46 -19.16 -10.64
CA GLU A 119 9.92 -19.08 -10.71
C GLU A 119 10.43 -19.03 -12.15
N PHE A 120 11.59 -18.39 -12.32
CA PHE A 120 12.36 -18.22 -13.57
C PHE A 120 13.71 -18.80 -13.13
N ASP A 121 13.84 -20.09 -13.39
CA ASP A 121 14.90 -20.90 -12.88
C ASP A 121 15.98 -21.12 -13.95
N THR A 122 17.21 -20.73 -13.61
CA THR A 122 18.28 -20.77 -14.59
C THR A 122 19.30 -21.88 -14.33
N PHE A 123 19.16 -22.65 -13.26
CA PHE A 123 20.10 -23.69 -12.93
C PHE A 123 19.31 -24.96 -12.66
N TYR A 124 19.88 -26.00 -13.29
CA TYR A 124 19.38 -27.36 -13.20
C TYR A 124 19.86 -28.01 -11.90
N ASN A 125 18.91 -28.42 -11.06
CA ASN A 125 19.28 -29.00 -9.78
C ASN A 125 18.72 -30.38 -9.98
N THR A 126 19.54 -31.40 -9.98
CA THR A 126 19.07 -32.71 -10.37
C THR A 126 18.04 -33.34 -9.49
N ALA A 127 18.07 -33.08 -8.19
CA ALA A 127 17.12 -33.69 -7.30
C ALA A 127 15.64 -33.24 -7.52
N TRP A 128 15.31 -32.14 -8.22
CA TRP A 128 13.93 -31.74 -8.40
C TRP A 128 13.62 -31.08 -9.71
N ASP A 129 14.60 -30.52 -10.44
CA ASP A 129 14.27 -29.83 -11.69
C ASP A 129 13.98 -30.74 -12.88
N PRO A 130 13.35 -30.31 -13.98
CA PRO A 130 13.11 -31.13 -15.17
C PRO A 130 14.40 -31.75 -15.66
N SER A 131 14.32 -33.05 -15.90
CA SER A 131 15.43 -33.90 -16.27
C SER A 131 16.02 -33.57 -17.63
N ASN A 132 15.26 -32.86 -18.44
CA ASN A 132 15.82 -32.35 -19.68
C ASN A 132 16.98 -31.38 -19.38
N GLY A 133 17.17 -30.89 -18.17
CA GLY A 133 18.26 -29.99 -17.86
C GLY A 133 18.00 -28.56 -18.30
N ASP A 134 16.90 -28.25 -19.00
CA ASP A 134 16.65 -26.93 -19.51
C ASP A 134 16.31 -25.91 -18.41
N ARG A 135 16.54 -24.64 -18.78
CA ARG A 135 16.19 -23.45 -18.01
C ARG A 135 14.66 -23.36 -18.14
N HIS A 136 13.88 -22.96 -17.15
CA HIS A 136 12.41 -23.01 -17.23
C HIS A 136 11.65 -22.07 -16.31
N ILE A 137 10.44 -21.75 -16.76
CA ILE A 137 9.49 -20.99 -15.96
C ILE A 137 8.73 -22.10 -15.20
N GLY A 138 8.38 -21.96 -13.92
CA GLY A 138 7.66 -23.03 -13.23
C GLY A 138 6.69 -22.45 -12.19
N ILE A 139 5.67 -23.21 -11.80
CA ILE A 139 4.75 -22.77 -10.77
C ILE A 139 4.96 -23.68 -9.57
N ASP A 140 5.18 -23.08 -8.41
CA ASP A 140 5.50 -23.80 -7.21
C ASP A 140 4.47 -23.58 -6.10
N VAL A 141 3.95 -24.60 -5.40
CA VAL A 141 3.14 -24.28 -4.28
C VAL A 141 3.69 -25.20 -3.21
N ASN A 142 4.26 -24.54 -2.20
CA ASN A 142 4.75 -25.17 -0.97
C ASN A 142 5.87 -26.17 -1.18
N SER A 143 6.67 -25.97 -2.25
CA SER A 143 7.73 -26.88 -2.63
C SER A 143 8.53 -26.29 -3.78
N ILE A 144 9.82 -26.64 -3.84
CA ILE A 144 10.69 -26.18 -4.90
C ILE A 144 10.51 -27.02 -6.16
N LYS A 145 9.85 -28.16 -5.98
CA LYS A 145 9.57 -29.03 -7.10
C LYS A 145 8.29 -28.49 -7.71
N SER A 146 8.34 -27.83 -8.87
CA SER A 146 7.19 -27.24 -9.53
C SER A 146 6.05 -28.20 -9.85
N ILE A 147 4.83 -27.68 -9.76
CA ILE A 147 3.65 -28.40 -10.21
C ILE A 147 3.68 -28.42 -11.72
N ASN A 148 4.29 -27.45 -12.41
CA ASN A 148 4.28 -27.46 -13.88
C ASN A 148 5.41 -26.56 -14.34
N THR A 149 6.11 -26.85 -15.46
CA THR A 149 7.24 -26.02 -15.95
C THR A 149 7.20 -25.82 -17.46
N LYS A 150 7.72 -24.73 -18.02
CA LYS A 150 7.78 -24.54 -19.45
C LYS A 150 9.26 -24.28 -19.69
N SER A 151 9.90 -24.89 -20.70
CA SER A 151 11.30 -24.58 -21.04
C SER A 151 11.40 -23.18 -21.58
N TRP A 152 12.43 -22.50 -21.13
CA TRP A 152 12.62 -21.12 -21.50
C TRP A 152 14.07 -20.93 -21.88
N ALA A 153 14.36 -20.16 -22.92
CA ALA A 153 15.74 -19.89 -23.22
C ALA A 153 16.13 -18.54 -22.65
N LEU A 154 17.08 -18.49 -21.73
CA LEU A 154 17.46 -17.22 -21.15
C LEU A 154 18.10 -16.37 -22.25
N GLN A 155 17.95 -15.04 -22.25
CA GLN A 155 18.69 -14.17 -23.14
C GLN A 155 19.46 -13.27 -22.19
N ASN A 156 20.75 -13.56 -22.11
CA ASN A 156 21.63 -12.93 -21.15
C ASN A 156 21.65 -11.44 -21.32
N GLY A 157 21.34 -10.71 -20.26
CA GLY A 157 21.35 -9.26 -20.28
C GLY A 157 20.14 -8.63 -20.99
N LYS A 158 19.11 -9.32 -21.48
CA LYS A 158 17.99 -8.67 -22.17
C LYS A 158 16.79 -8.45 -21.23
N GLU A 159 16.03 -7.36 -21.33
CA GLU A 159 14.85 -7.11 -20.49
C GLU A 159 13.73 -8.06 -20.92
N ALA A 160 13.19 -8.78 -19.95
CA ALA A 160 12.06 -9.70 -20.15
C ALA A 160 10.80 -9.05 -19.59
N ASN A 161 9.64 -9.14 -20.22
CA ASN A 161 8.40 -8.55 -19.73
C ASN A 161 7.53 -9.70 -19.27
N VAL A 162 7.07 -9.69 -18.03
CA VAL A 162 6.25 -10.78 -17.50
C VAL A 162 4.92 -10.23 -17.06
N VAL A 163 3.84 -10.99 -17.26
CA VAL A 163 2.50 -10.67 -16.79
C VAL A 163 2.05 -11.93 -16.06
N ILE A 164 1.66 -11.82 -14.79
CA ILE A 164 1.10 -12.98 -14.08
C ILE A 164 -0.31 -12.55 -13.71
N ALA A 165 -1.35 -13.33 -13.96
CA ALA A 165 -2.72 -12.94 -13.63
C ALA A 165 -3.43 -14.13 -13.00
N PHE A 166 -4.36 -13.88 -12.08
CA PHE A 166 -5.15 -14.93 -11.43
C PHE A 166 -6.60 -14.51 -11.55
N ASN A 167 -7.40 -15.50 -12.00
CA ASN A 167 -8.82 -15.35 -12.22
C ASN A 167 -9.53 -16.12 -11.14
N ALA A 168 -10.08 -15.48 -10.15
CA ALA A 168 -10.79 -16.16 -9.06
C ALA A 168 -11.96 -17.01 -9.51
N ALA A 169 -12.57 -16.69 -10.65
CA ALA A 169 -13.70 -17.47 -11.12
C ALA A 169 -13.33 -18.89 -11.57
N THR A 170 -12.12 -19.10 -12.12
CA THR A 170 -11.71 -20.43 -12.60
C THR A 170 -10.51 -20.97 -11.88
N ASN A 171 -9.99 -20.14 -10.97
CA ASN A 171 -8.78 -20.42 -10.21
C ASN A 171 -7.56 -20.66 -11.09
N VAL A 172 -7.51 -20.02 -12.27
CA VAL A 172 -6.39 -20.22 -13.17
C VAL A 172 -5.44 -19.04 -13.02
N LEU A 173 -4.19 -19.45 -12.79
CA LEU A 173 -3.00 -18.63 -12.70
C LEU A 173 -2.28 -18.70 -14.05
N THR A 174 -2.13 -17.58 -14.73
CA THR A 174 -1.46 -17.51 -16.02
C THR A 174 -0.17 -16.71 -15.94
N VAL A 175 0.93 -17.18 -16.53
CA VAL A 175 2.16 -16.40 -16.61
C VAL A 175 2.62 -16.38 -18.06
N SER A 176 3.04 -15.17 -18.45
CA SER A 176 3.43 -14.84 -19.79
C SER A 176 4.74 -14.08 -19.76
N LEU A 177 5.79 -14.63 -20.37
CA LEU A 177 7.13 -14.03 -20.47
C LEU A 177 7.39 -13.70 -21.94
N THR A 178 7.77 -12.48 -22.20
CA THR A 178 8.08 -11.99 -23.52
C THR A 178 9.43 -11.28 -23.55
N TYR A 179 10.31 -11.65 -24.49
CA TYR A 179 11.50 -10.87 -24.79
C TYR A 179 11.00 -10.14 -26.03
N PRO A 180 10.80 -8.81 -25.90
CA PRO A 180 10.25 -7.95 -26.95
C PRO A 180 11.19 -7.66 -28.14
N THR B 2 9.86 -12.93 -28.51
CA THR B 2 9.77 -14.35 -28.20
C THR B 2 8.86 -14.51 -26.98
N SER B 3 7.85 -15.41 -26.90
CA SER B 3 6.94 -15.49 -25.76
C SER B 3 6.85 -16.90 -25.23
N TYR B 4 6.68 -17.01 -23.92
CA TYR B 4 6.55 -18.28 -23.24
C TYR B 4 5.34 -18.07 -22.36
N THR B 5 4.42 -19.03 -22.34
CA THR B 5 3.16 -18.91 -21.60
C THR B 5 2.88 -20.19 -20.80
N LEU B 6 2.48 -20.11 -19.53
CA LEU B 6 2.23 -21.29 -18.72
C LEU B 6 0.94 -21.00 -17.96
N ASN B 7 0.04 -21.98 -17.88
CA ASN B 7 -1.29 -21.84 -17.24
C ASN B 7 -1.55 -22.94 -16.25
N GLU B 8 -2.11 -22.72 -15.06
CA GLU B 8 -2.42 -23.83 -14.14
C GLU B 8 -3.53 -23.46 -13.17
N VAL B 9 -4.44 -24.40 -12.89
CA VAL B 9 -5.46 -24.18 -11.89
C VAL B 9 -4.75 -24.29 -10.57
N VAL B 10 -4.69 -23.18 -9.83
CA VAL B 10 -4.07 -23.18 -8.52
C VAL B 10 -5.12 -22.55 -7.57
N PRO B 11 -5.88 -23.36 -6.79
CA PRO B 11 -6.86 -22.88 -5.81
C PRO B 11 -6.22 -22.23 -4.58
N LEU B 12 -5.84 -20.96 -4.75
CA LEU B 12 -5.14 -20.15 -3.76
C LEU B 12 -5.62 -20.20 -2.34
N LYS B 13 -6.93 -20.24 -2.10
CA LYS B 13 -7.51 -20.32 -0.76
C LYS B 13 -6.97 -21.47 0.07
N GLU B 14 -6.66 -22.58 -0.58
CA GLU B 14 -6.23 -23.77 0.10
C GLU B 14 -4.79 -23.68 0.54
N PHE B 15 -3.97 -22.76 0.00
CA PHE B 15 -2.51 -22.77 0.29
C PHE B 15 -1.93 -21.60 1.05
N VAL B 16 -2.65 -20.51 0.98
CA VAL B 16 -2.15 -19.22 1.43
C VAL B 16 -3.05 -18.66 2.52
N PRO B 17 -2.57 -17.92 3.53
CA PRO B 17 -3.41 -17.16 4.48
C PRO B 17 -4.28 -16.12 3.77
N GLU B 18 -5.28 -15.59 4.48
CA GLU B 18 -6.20 -14.59 3.91
C GLU B 18 -5.53 -13.27 3.56
N TRP B 19 -4.57 -12.92 4.42
CA TRP B 19 -3.80 -11.71 4.24
C TRP B 19 -2.36 -12.16 3.92
N VAL B 20 -1.79 -11.58 2.87
CA VAL B 20 -0.48 -12.00 2.39
C VAL B 20 0.46 -10.83 2.10
N ARG B 21 1.78 -11.06 2.02
CA ARG B 21 2.67 -10.09 1.42
C ARG B 21 3.15 -10.73 0.11
N ILE B 22 3.28 -9.88 -0.90
CA ILE B 22 3.79 -10.27 -2.22
C ILE B 22 5.20 -9.69 -2.44
N GLY B 23 6.06 -10.34 -3.22
CA GLY B 23 7.34 -9.74 -3.54
C GLY B 23 8.12 -10.59 -4.48
N PHE B 24 9.41 -10.28 -4.60
CA PHE B 24 10.32 -11.00 -5.49
C PHE B 24 11.45 -11.58 -4.65
N SER B 25 12.06 -12.64 -5.13
CA SER B 25 13.20 -13.30 -4.51
C SER B 25 14.15 -13.65 -5.65
N ALA B 26 15.47 -13.66 -5.41
CA ALA B 26 16.46 -14.13 -6.37
C ALA B 26 17.63 -14.58 -5.53
N THR B 27 18.33 -15.65 -5.90
CA THR B 27 19.50 -16.14 -5.20
C THR B 27 20.59 -16.52 -6.20
N THR B 28 21.76 -16.77 -5.60
CA THR B 28 22.90 -17.29 -6.31
C THR B 28 23.43 -18.38 -5.37
N GLY B 29 24.21 -19.33 -5.88
CA GLY B 29 24.90 -20.33 -5.09
C GLY B 29 26.38 -20.43 -5.54
N ALA B 30 26.76 -21.58 -6.11
CA ALA B 30 28.11 -21.82 -6.60
C ALA B 30 28.28 -21.09 -7.92
N GLU B 31 27.16 -20.87 -8.59
CA GLU B 31 27.16 -20.20 -9.86
C GLU B 31 26.42 -18.90 -9.58
N PHE B 32 26.47 -17.84 -10.40
CA PHE B 32 25.83 -16.58 -10.09
C PHE B 32 25.41 -15.74 -11.30
N ALA B 33 24.59 -14.73 -11.09
CA ALA B 33 24.14 -13.82 -12.12
C ALA B 33 23.62 -12.60 -11.36
N ALA B 34 23.49 -11.42 -11.94
CA ALA B 34 22.87 -10.33 -11.22
C ALA B 34 21.40 -10.43 -11.63
N HIS B 35 20.47 -10.16 -10.73
CA HIS B 35 19.03 -10.27 -11.02
C HIS B 35 18.45 -8.93 -10.71
N GLU B 36 17.84 -8.27 -11.68
CA GLU B 36 17.33 -6.94 -11.40
C GLU B 36 15.91 -6.78 -11.89
N VAL B 37 15.13 -5.88 -11.31
CA VAL B 37 13.76 -5.62 -11.76
C VAL B 37 13.79 -4.13 -12.05
N LEU B 38 13.21 -3.81 -13.19
CA LEU B 38 13.19 -2.47 -13.67
C LEU B 38 11.87 -1.72 -13.46
N SER B 39 10.74 -2.40 -13.30
CA SER B 39 9.48 -1.73 -13.02
C SER B 39 8.51 -2.78 -12.44
N TRP B 40 7.45 -2.33 -11.73
CA TRP B 40 6.49 -3.25 -11.14
C TRP B 40 5.08 -2.64 -11.13
N TYR B 41 4.11 -3.41 -11.57
CA TYR B 41 2.73 -3.04 -11.56
C TYR B 41 1.96 -4.14 -10.82
N PHE B 42 1.05 -3.81 -9.90
CA PHE B 42 0.21 -4.81 -9.25
C PHE B 42 -1.18 -4.28 -9.01
N HIS B 43 -2.19 -5.11 -9.18
CA HIS B 43 -3.55 -4.72 -8.85
C HIS B 43 -4.33 -5.92 -8.35
N SER B 44 -5.07 -5.87 -7.25
CA SER B 44 -5.94 -6.97 -6.84
C SER B 44 -7.31 -6.42 -6.50
N GLU B 45 -8.34 -7.25 -6.58
CA GLU B 45 -9.72 -6.83 -6.32
C GLU B 45 -10.37 -7.98 -5.58
N LEU B 46 -10.73 -7.78 -4.32
CA LEU B 46 -11.49 -8.79 -3.54
C LEU B 46 -12.95 -8.33 -3.42
N ALA B 47 -13.95 -9.09 -3.87
CA ALA B 47 -15.36 -8.71 -3.74
C ALA B 47 -15.91 -8.78 -2.31
N THR C 1 7.36 6.97 -12.65
CA THR C 1 6.04 7.29 -12.22
C THR C 1 5.78 6.36 -11.09
N GLU C 2 5.10 6.88 -10.09
CA GLU C 2 4.72 6.11 -8.92
C GLU C 2 3.24 6.34 -8.65
N THR C 3 2.46 5.27 -8.49
CA THR C 3 1.10 5.47 -8.07
C THR C 3 0.88 4.51 -6.89
N THR C 4 0.11 4.93 -5.91
CA THR C 4 -0.36 4.06 -4.84
C THR C 4 -1.89 4.19 -4.88
N SER C 5 -2.67 3.12 -4.77
CA SER C 5 -4.12 3.24 -4.72
C SER C 5 -4.71 2.13 -3.88
N PHE C 6 -5.84 2.37 -3.21
CA PHE C 6 -6.58 1.33 -2.51
C PHE C 6 -8.03 1.79 -2.34
N SER C 7 -8.95 0.84 -2.14
CA SER C 7 -10.29 1.22 -1.76
C SER C 7 -10.72 0.14 -0.76
N ILE C 8 -11.46 0.61 0.26
CA ILE C 8 -12.07 -0.25 1.27
C ILE C 8 -13.54 0.16 1.34
N THR C 9 -14.43 -0.66 0.79
CA THR C 9 -15.86 -0.44 0.78
C THR C 9 -16.55 -0.89 2.07
N LYS C 10 -16.00 -1.85 2.82
CA LYS C 10 -16.58 -2.26 4.07
C LYS C 10 -15.37 -2.79 4.81
N PHE C 11 -15.19 -2.24 5.99
CA PHE C 11 -14.02 -2.61 6.78
C PHE C 11 -14.29 -3.97 7.40
N GLY C 12 -13.29 -4.76 7.60
CA GLY C 12 -13.49 -6.07 8.16
C GLY C 12 -12.91 -6.02 9.55
N PRO C 13 -13.07 -7.06 10.36
CA PRO C 13 -12.56 -7.13 11.72
C PRO C 13 -11.06 -7.19 11.81
N ASP C 14 -10.38 -7.68 10.80
CA ASP C 14 -8.96 -7.72 10.91
C ASP C 14 -8.46 -7.00 9.66
N GLN C 15 -8.39 -5.67 9.68
CA GLN C 15 -8.04 -4.92 8.50
C GLN C 15 -6.53 -4.69 8.58
N GLN C 16 -5.78 -5.69 8.17
CA GLN C 16 -4.35 -5.66 8.32
C GLN C 16 -3.65 -4.61 7.49
N ASN C 17 -4.24 -3.96 6.49
CA ASN C 17 -3.55 -2.92 5.79
C ASN C 17 -3.75 -1.55 6.43
N LEU C 18 -4.21 -1.50 7.69
CA LEU C 18 -4.35 -0.24 8.37
C LEU C 18 -3.52 -0.35 9.65
N ILE C 19 -3.03 0.76 10.20
CA ILE C 19 -2.26 0.79 11.46
C ILE C 19 -3.21 1.53 12.38
N PHE C 20 -3.52 0.98 13.53
CA PHE C 20 -4.46 1.68 14.42
C PHE C 20 -3.70 2.31 15.54
N GLN C 21 -4.09 3.52 15.93
CA GLN C 21 -3.52 4.24 17.07
C GLN C 21 -4.65 4.75 17.96
N GLY C 22 -4.41 4.94 19.27
CA GLY C 22 -5.45 5.36 20.20
C GLY C 22 -6.54 4.30 20.30
N ASP C 23 -7.77 4.73 20.14
CA ASP C 23 -8.92 3.87 20.22
C ASP C 23 -9.37 3.40 18.86
N GLY C 24 -8.72 3.68 17.75
CA GLY C 24 -9.33 3.31 16.49
C GLY C 24 -9.42 1.82 16.34
N TYR C 25 -10.51 1.34 15.75
CA TYR C 25 -10.68 -0.07 15.48
C TYR C 25 -11.80 -0.20 14.47
N THR C 26 -12.17 -1.40 14.00
CA THR C 26 -13.25 -1.61 13.06
C THR C 26 -14.34 -2.42 13.76
N THR C 27 -15.61 -2.07 13.62
CA THR C 27 -16.68 -2.86 14.20
C THR C 27 -17.77 -2.83 13.19
N LYS C 28 -18.46 -3.96 12.97
CA LYS C 28 -19.60 -4.03 12.08
C LYS C 28 -19.46 -3.28 10.76
N GLU C 29 -18.36 -3.59 10.06
CA GLU C 29 -18.04 -3.00 8.77
C GLU C 29 -17.63 -1.52 8.74
N ARG C 30 -17.50 -0.88 9.88
CA ARG C 30 -17.12 0.52 9.96
C ARG C 30 -15.79 0.66 10.64
N LEU C 31 -15.07 1.68 10.22
CA LEU C 31 -13.86 2.01 10.93
C LEU C 31 -14.38 2.96 12.01
N THR C 32 -14.21 2.60 13.28
CA THR C 32 -14.62 3.47 14.37
C THR C 32 -13.39 4.21 14.90
N LEU C 33 -13.38 5.53 14.84
CA LEU C 33 -12.28 6.31 15.40
C LEU C 33 -12.51 6.62 16.88
N THR C 34 -13.73 7.04 17.29
CA THR C 34 -14.07 7.21 18.70
C THR C 34 -15.48 6.68 18.90
N LYS C 35 -15.78 6.19 20.08
CA LYS C 35 -17.13 5.95 20.47
C LYS C 35 -17.52 7.28 21.10
N ALA C 36 -18.80 7.38 21.50
CA ALA C 36 -19.36 8.57 22.09
C ALA C 36 -19.01 8.51 23.56
N VAL C 37 -17.73 8.75 23.81
CA VAL C 37 -17.15 8.66 25.13
C VAL C 37 -16.24 9.87 25.29
N ARG C 38 -16.02 10.39 26.51
CA ARG C 38 -15.22 11.59 26.73
C ARG C 38 -13.70 11.42 26.70
N ASN C 39 -13.02 12.48 26.31
CA ASN C 39 -11.57 12.56 26.26
C ASN C 39 -10.87 11.38 25.60
N THR C 40 -11.19 10.96 24.39
CA THR C 40 -10.40 9.92 23.75
C THR C 40 -9.93 10.38 22.37
N VAL C 41 -9.02 9.58 21.77
CA VAL C 41 -8.48 9.82 20.44
C VAL C 41 -8.40 8.44 19.82
N GLY C 42 -8.65 8.39 18.52
CA GLY C 42 -8.58 7.20 17.72
C GLY C 42 -7.99 7.67 16.40
N ARG C 43 -6.97 6.98 15.85
CA ARG C 43 -6.39 7.36 14.57
C ARG C 43 -6.17 6.08 13.82
N ALA C 44 -6.22 6.16 12.48
CA ALA C 44 -6.05 4.99 11.63
C ALA C 44 -5.23 5.45 10.43
N LEU C 45 -4.16 4.74 10.08
CA LEU C 45 -3.25 5.09 8.99
C LEU C 45 -3.25 4.03 7.91
N TYR C 46 -3.08 4.36 6.64
CA TYR C 46 -2.92 3.32 5.62
C TYR C 46 -1.55 2.74 5.88
N SER C 47 -1.32 1.43 5.81
CA SER C 47 0.01 0.94 6.17
C SER C 47 1.14 1.30 5.19
N SER C 48 0.91 1.53 3.91
CA SER C 48 2.03 1.84 3.03
C SER C 48 2.45 3.30 3.08
N PRO C 49 3.74 3.68 3.19
CA PRO C 49 4.22 4.99 2.82
C PRO C 49 3.83 5.34 1.38
N ILE C 50 3.54 6.62 1.21
CA ILE C 50 3.13 7.16 -0.10
C ILE C 50 4.19 8.18 -0.52
N HIS C 51 4.61 8.15 -1.78
CA HIS C 51 5.62 9.09 -2.23
C HIS C 51 4.88 10.31 -2.73
N ILE C 52 4.83 11.41 -1.97
CA ILE C 52 3.99 12.54 -2.38
C ILE C 52 4.77 13.60 -3.19
N TRP C 53 6.11 13.68 -3.13
CA TRP C 53 6.84 14.60 -4.00
C TRP C 53 8.26 14.09 -4.06
N ASP C 54 9.03 14.58 -5.03
CA ASP C 54 10.42 14.18 -5.22
C ASP C 54 11.45 15.31 -5.17
N SER C 55 12.45 15.28 -4.28
CA SER C 55 13.52 16.25 -4.25
C SER C 55 14.37 16.25 -5.53
N LYS C 56 14.58 15.14 -6.23
CA LYS C 56 15.39 15.17 -7.42
C LYS C 56 14.80 16.00 -8.53
N THR C 57 13.53 15.82 -8.84
CA THR C 57 12.92 16.53 -9.94
C THR C 57 12.12 17.75 -9.52
N GLY C 58 11.77 17.73 -8.24
CA GLY C 58 10.94 18.77 -7.67
C GLY C 58 9.48 18.49 -8.03
N ASN C 59 9.10 17.34 -8.58
CA ASN C 59 7.72 16.99 -8.91
C ASN C 59 6.85 16.71 -7.69
N VAL C 60 5.55 16.98 -7.75
CA VAL C 60 4.64 16.73 -6.65
C VAL C 60 3.53 15.86 -7.21
N ALA C 61 3.03 14.95 -6.41
CA ALA C 61 2.02 14.04 -6.85
C ALA C 61 0.69 14.76 -6.98
N ASN C 62 -0.19 14.21 -7.81
CA ASN C 62 -1.60 14.62 -7.82
C ASN C 62 -2.27 13.55 -6.97
N PHE C 63 -3.31 13.79 -6.18
CA PHE C 63 -4.01 12.71 -5.51
C PHE C 63 -5.44 13.12 -5.26
N VAL C 64 -6.26 12.07 -5.04
CA VAL C 64 -7.68 12.19 -4.72
C VAL C 64 -7.99 11.14 -3.64
N THR C 65 -8.87 11.48 -2.72
CA THR C 65 -9.38 10.55 -1.75
C THR C 65 -10.86 10.90 -1.58
N SER C 66 -11.68 9.86 -1.48
CA SER C 66 -13.07 10.05 -1.11
C SER C 66 -13.43 9.09 0.03
N PHE C 67 -14.31 9.49 0.91
CA PHE C 67 -14.77 8.63 1.99
C PHE C 67 -16.15 9.07 2.41
N THR C 68 -16.86 8.17 3.07
CA THR C 68 -18.16 8.49 3.68
C THR C 68 -17.93 8.36 5.17
N PHE C 69 -18.31 9.37 5.94
CA PHE C 69 -18.20 9.29 7.39
C PHE C 69 -19.53 9.66 8.05
N VAL C 70 -19.67 9.34 9.34
CA VAL C 70 -20.87 9.60 10.12
C VAL C 70 -20.38 10.12 11.46
N ILE C 71 -20.96 11.23 11.87
CA ILE C 71 -20.72 11.69 13.23
C ILE C 71 -22.07 11.45 13.89
N ASP C 72 -22.08 10.79 15.05
CA ASP C 72 -23.29 10.48 15.79
C ASP C 72 -23.17 10.98 17.22
N ALA C 73 -23.65 12.18 17.47
CA ALA C 73 -23.65 12.83 18.77
C ALA C 73 -24.86 12.47 19.64
N PRO C 74 -24.82 12.59 21.00
CA PRO C 74 -25.98 12.40 21.89
C PRO C 74 -27.13 13.35 21.59
N ASN C 75 -26.91 14.50 20.94
CA ASN C 75 -27.97 15.43 20.52
C ASN C 75 -27.34 16.46 19.59
N SER C 76 -27.98 17.36 18.83
CA SER C 76 -27.29 18.32 17.96
C SER C 76 -26.56 19.50 18.60
N TYR C 77 -26.48 19.53 19.93
CA TYR C 77 -25.96 20.70 20.62
C TYR C 77 -24.65 20.44 21.35
N ASN C 78 -24.46 19.25 21.94
CA ASN C 78 -23.26 18.97 22.74
C ASN C 78 -22.43 18.01 21.90
N VAL C 79 -21.64 18.52 20.96
CA VAL C 79 -20.90 17.69 20.02
C VAL C 79 -19.46 18.21 20.04
N ALA C 80 -18.48 17.32 20.05
CA ALA C 80 -17.06 17.66 20.01
C ALA C 80 -16.24 16.38 19.73
N ASP C 81 -14.96 16.40 19.29
CA ASP C 81 -14.38 17.62 18.75
C ASP C 81 -14.35 17.67 17.25
N GLY C 82 -14.40 16.52 16.59
CA GLY C 82 -14.37 16.48 15.15
C GLY C 82 -13.42 15.39 14.67
N PHE C 83 -13.11 15.55 13.39
CA PHE C 83 -12.54 14.52 12.56
C PHE C 83 -11.59 15.13 11.51
N THR C 84 -10.62 14.36 11.07
CA THR C 84 -9.56 14.85 10.21
C THR C 84 -9.09 13.80 9.17
N PHE C 85 -8.87 14.20 7.93
CA PHE C 85 -8.03 13.42 7.01
C PHE C 85 -6.68 14.16 7.06
N PHE C 86 -5.55 13.50 7.35
CA PHE C 86 -4.25 14.17 7.41
C PHE C 86 -3.14 13.48 6.59
N ILE C 87 -2.05 14.19 6.33
CA ILE C 87 -0.91 13.74 5.52
C ILE C 87 0.24 14.13 6.45
N ALA C 88 0.99 13.16 6.93
CA ALA C 88 2.01 13.41 7.95
C ALA C 88 3.30 12.60 7.68
N PRO C 89 4.40 12.81 8.40
CA PRO C 89 5.53 11.90 8.32
C PRO C 89 5.14 10.43 8.53
N VAL C 90 5.91 9.53 7.94
CA VAL C 90 5.74 8.09 8.04
C VAL C 90 5.68 7.67 9.51
N ASP C 91 6.36 8.35 10.42
CA ASP C 91 6.34 7.91 11.83
C ASP C 91 5.41 8.72 12.74
N THR C 92 4.37 9.28 12.13
CA THR C 92 3.36 10.08 12.82
C THR C 92 2.71 9.32 14.00
N LYS C 93 2.61 9.96 15.14
CA LYS C 93 2.00 9.32 16.30
C LYS C 93 0.97 10.33 16.85
N PRO C 94 -0.02 9.98 17.71
CA PRO C 94 -1.06 10.89 18.17
C PRO C 94 -0.47 12.11 18.87
N GLN C 95 -0.91 13.33 18.55
CA GLN C 95 -0.50 14.55 19.24
C GLN C 95 -1.60 14.93 20.26
N THR C 96 -1.83 16.18 20.67
CA THR C 96 -2.82 16.50 21.69
C THR C 96 -4.26 16.17 21.30
N GLY C 97 -5.08 15.77 22.29
CA GLY C 97 -6.48 15.38 22.09
C GLY C 97 -7.37 16.60 22.16
N GLY C 98 -8.65 16.44 22.44
CA GLY C 98 -9.52 17.59 22.55
C GLY C 98 -9.64 18.33 21.24
N GLY C 99 -9.52 19.66 21.33
CA GLY C 99 -9.70 20.54 20.21
C GLY C 99 -8.60 20.52 19.19
N TYR C 100 -7.49 19.87 19.55
CA TYR C 100 -6.30 19.73 18.71
C TYR C 100 -6.44 18.58 17.75
N LEU C 101 -7.47 17.73 17.93
CA LEU C 101 -7.81 16.66 17.00
C LEU C 101 -6.81 15.51 16.84
N GLY C 102 -5.89 15.33 17.79
CA GLY C 102 -4.91 14.26 17.79
C GLY C 102 -3.79 14.47 16.75
N VAL C 103 -3.76 15.63 16.10
CA VAL C 103 -2.85 15.87 15.00
C VAL C 103 -1.96 17.12 15.21
N PHE C 104 -2.30 18.12 16.03
CA PHE C 104 -1.45 19.26 16.25
C PHE C 104 -1.28 19.44 17.71
N ASN C 105 -0.45 20.39 18.09
CA ASN C 105 -0.14 20.63 19.47
C ASN C 105 -0.24 22.10 19.72
N SER C 106 -0.44 22.95 18.73
CA SER C 106 -0.44 24.37 19.00
C SER C 106 -1.24 25.07 17.94
N LYS C 107 -1.48 26.30 18.36
CA LYS C 107 -2.16 27.34 17.60
C LYS C 107 -1.12 28.06 16.72
N ASP C 108 0.12 28.06 17.19
CA ASP C 108 1.26 28.67 16.47
C ASP C 108 1.80 27.69 15.45
N TYR C 109 2.29 28.21 14.32
CA TYR C 109 2.92 27.42 13.28
C TYR C 109 4.04 26.63 13.93
N ASP C 110 4.06 25.35 13.65
CA ASP C 110 5.05 24.49 14.20
C ASP C 110 5.69 23.81 13.01
N LYS C 111 6.90 24.21 12.63
CA LYS C 111 7.57 23.64 11.47
C LYS C 111 7.94 22.19 11.69
N THR C 112 8.10 21.73 12.92
CA THR C 112 8.48 20.36 13.15
C THR C 112 7.33 19.42 12.89
N SER C 113 6.12 19.95 12.80
CA SER C 113 4.91 19.16 12.64
C SER C 113 4.90 18.44 11.33
N GLN C 114 5.15 19.16 10.26
CA GLN C 114 5.14 18.62 8.92
C GLN C 114 3.84 17.88 8.58
N THR C 115 2.66 18.41 9.01
CA THR C 115 1.49 17.73 8.60
C THR C 115 0.48 18.72 8.12
N VAL C 116 -0.28 18.32 7.14
CA VAL C 116 -1.35 19.12 6.62
C VAL C 116 -2.60 18.27 6.81
N ALA C 117 -3.71 18.89 7.27
CA ALA C 117 -4.95 18.19 7.54
C ALA C 117 -6.18 18.97 7.14
N VAL C 118 -7.24 18.29 6.72
CA VAL C 118 -8.54 18.87 6.39
C VAL C 118 -9.39 18.42 7.56
N GLU C 119 -9.84 19.36 8.38
CA GLU C 119 -10.63 19.06 9.57
C GLU C 119 -12.12 19.28 9.30
N PHE C 120 -12.95 18.56 10.03
CA PHE C 120 -14.42 18.66 10.04
C PHE C 120 -14.59 18.84 11.53
N ASP C 121 -14.68 20.12 11.90
CA ASP C 121 -14.64 20.57 13.29
C ASP C 121 -16.03 20.93 13.80
N THR C 122 -16.43 20.23 14.87
CA THR C 122 -17.75 20.33 15.45
C THR C 122 -17.82 21.13 16.73
N PHE C 123 -16.72 21.58 17.30
CA PHE C 123 -16.77 22.33 18.53
C PHE C 123 -15.93 23.60 18.40
N TYR C 124 -16.50 24.70 18.86
CA TYR C 124 -15.89 26.01 18.80
C TYR C 124 -14.96 26.22 19.98
N ASN C 125 -13.67 26.32 19.67
CA ASN C 125 -12.64 26.41 20.69
C ASN C 125 -12.29 27.86 20.53
N THR C 126 -12.58 28.66 21.56
CA THR C 126 -12.49 30.12 21.49
C THR C 126 -11.12 30.63 21.08
N ALA C 127 -10.04 29.99 21.52
CA ALA C 127 -8.69 30.41 21.18
C ALA C 127 -8.27 30.45 19.72
N TRP C 128 -8.87 29.67 18.81
CA TRP C 128 -8.38 29.60 17.44
C TRP C 128 -9.42 29.43 16.36
N ASP C 129 -10.63 29.05 16.74
CA ASP C 129 -11.63 28.73 15.74
C ASP C 129 -12.31 29.96 15.21
N PRO C 130 -12.93 29.98 14.01
CA PRO C 130 -13.55 31.21 13.49
C PRO C 130 -14.58 31.74 14.49
N SER C 131 -14.49 33.02 14.78
CA SER C 131 -15.28 33.66 15.82
C SER C 131 -16.80 33.53 15.73
N ASN C 132 -17.35 33.36 14.54
CA ASN C 132 -18.79 33.19 14.41
C ASN C 132 -19.24 31.95 15.16
N GLY C 133 -18.38 31.05 15.61
CA GLY C 133 -18.79 29.91 16.40
C GLY C 133 -19.36 28.77 15.60
N ASP C 134 -19.44 28.84 14.28
CA ASP C 134 -20.03 27.77 13.50
C ASP C 134 -19.13 26.55 13.41
N ARG C 135 -19.72 25.40 13.14
CA ARG C 135 -18.99 24.19 12.87
C ARG C 135 -18.47 24.43 11.45
N HIS C 136 -17.32 23.85 11.06
CA HIS C 136 -16.69 24.18 9.78
C HIS C 136 -15.70 23.13 9.31
N ILE C 137 -15.47 23.24 8.02
CA ILE C 137 -14.47 22.45 7.36
C ILE C 137 -13.23 23.33 7.37
N GLY C 138 -12.03 22.88 7.69
CA GLY C 138 -10.85 23.75 7.67
C GLY C 138 -9.67 23.07 7.00
N ILE C 139 -8.72 23.81 6.43
CA ILE C 139 -7.47 23.26 5.88
C ILE C 139 -6.41 23.71 6.89
N ASP C 140 -5.61 22.80 7.43
CA ASP C 140 -4.69 23.15 8.50
C ASP C 140 -3.29 22.79 8.05
N VAL C 141 -2.30 23.67 8.23
CA VAL C 141 -0.93 23.29 7.89
C VAL C 141 -0.09 23.65 9.11
N ASN C 142 0.38 22.59 9.77
CA ASN C 142 1.29 22.77 10.90
C ASN C 142 0.77 23.56 12.09
N SER C 143 -0.56 23.64 12.23
CA SER C 143 -1.18 24.43 13.27
C SER C 143 -2.64 24.09 13.28
N ILE C 144 -3.28 24.14 14.47
CA ILE C 144 -4.71 23.93 14.60
C ILE C 144 -5.56 25.12 14.13
N LYS C 145 -4.94 26.26 13.90
CA LYS C 145 -5.64 27.42 13.40
C LYS C 145 -5.64 27.17 11.91
N SER C 146 -6.80 26.92 11.35
CA SER C 146 -6.95 26.62 9.94
C SER C 146 -6.50 27.79 9.09
N ILE C 147 -5.86 27.62 7.95
CA ILE C 147 -5.57 28.78 7.12
C ILE C 147 -6.81 29.21 6.36
N ASN C 148 -7.85 28.42 6.27
CA ASN C 148 -9.05 28.81 5.55
C ASN C 148 -10.13 27.89 6.05
N THR C 149 -11.36 28.36 6.18
CA THR C 149 -12.45 27.62 6.82
C THR C 149 -13.78 27.85 6.08
N LYS C 150 -14.77 26.94 6.08
CA LYS C 150 -16.08 27.16 5.48
C LYS C 150 -17.09 26.64 6.52
N SER C 151 -18.14 27.39 6.88
CA SER C 151 -19.15 26.94 7.82
C SER C 151 -19.93 25.79 7.20
N TRP C 152 -20.31 24.85 8.07
CA TRP C 152 -20.89 23.58 7.68
C TRP C 152 -21.95 23.30 8.72
N ALA C 153 -23.12 22.85 8.28
CA ALA C 153 -24.20 22.49 9.18
C ALA C 153 -24.17 20.97 9.37
N LEU C 154 -23.89 20.51 10.59
CA LEU C 154 -23.83 19.09 10.92
C LEU C 154 -25.19 18.48 10.88
N GLN C 155 -25.36 17.34 10.22
CA GLN C 155 -26.58 16.57 10.25
C GLN C 155 -26.20 15.34 11.04
N ASN C 156 -26.51 15.36 12.34
CA ASN C 156 -26.23 14.30 13.28
C ASN C 156 -26.71 12.92 12.84
N GLY C 157 -25.79 11.96 12.70
CA GLY C 157 -26.14 10.60 12.38
C GLY C 157 -26.29 10.38 10.89
N LYS C 158 -26.18 11.36 10.00
CA LYS C 158 -26.32 11.13 8.57
C LYS C 158 -24.97 10.87 7.90
N GLU C 159 -25.00 10.11 6.81
CA GLU C 159 -23.79 9.86 6.06
C GLU C 159 -23.46 11.13 5.27
N ALA C 160 -22.19 11.51 5.35
CA ALA C 160 -21.67 12.62 4.57
C ALA C 160 -20.64 12.07 3.60
N ASN C 161 -20.59 12.52 2.36
CA ASN C 161 -19.62 12.00 1.40
C ASN C 161 -18.62 13.09 1.12
N VAL C 162 -17.32 12.86 1.33
CA VAL C 162 -16.36 13.89 0.96
C VAL C 162 -15.32 13.40 -0.06
N VAL C 163 -14.88 14.36 -0.85
CA VAL C 163 -13.85 14.21 -1.88
C VAL C 163 -12.82 15.28 -1.56
N ILE C 164 -11.56 14.89 -1.39
CA ILE C 164 -10.44 15.80 -1.20
C ILE C 164 -9.50 15.61 -2.43
N ALA C 165 -9.06 16.66 -3.11
CA ALA C 165 -8.24 16.52 -4.29
C ALA C 165 -7.13 17.55 -4.27
N PHE C 166 -5.95 17.10 -4.66
CA PHE C 166 -4.81 17.99 -4.80
C PHE C 166 -4.34 17.92 -6.26
N ASN C 167 -4.26 19.10 -6.85
CA ASN C 167 -3.77 19.27 -8.21
C ASN C 167 -2.37 19.86 -8.15
N ALA C 168 -1.38 19.02 -8.43
CA ALA C 168 0.01 19.44 -8.42
C ALA C 168 0.35 20.58 -9.37
N ALA C 169 -0.30 20.73 -10.53
CA ALA C 169 0.00 21.81 -11.48
C ALA C 169 -0.34 23.16 -10.93
N THR C 170 -1.33 23.27 -10.03
CA THR C 170 -1.69 24.56 -9.44
C THR C 170 -1.48 24.72 -7.94
N ASN C 171 -1.23 23.60 -7.30
CA ASN C 171 -1.15 23.49 -5.84
C ASN C 171 -2.49 23.80 -5.16
N VAL C 172 -3.60 23.63 -5.87
CA VAL C 172 -4.93 23.79 -5.33
C VAL C 172 -5.38 22.48 -4.65
N LEU C 173 -5.72 22.55 -3.37
CA LEU C 173 -6.31 21.47 -2.58
C LEU C 173 -7.79 21.81 -2.52
N THR C 174 -8.66 20.95 -3.05
CA THR C 174 -10.11 21.17 -3.05
C THR C 174 -10.82 20.17 -2.12
N VAL C 175 -11.83 20.61 -1.37
CA VAL C 175 -12.56 19.76 -0.42
C VAL C 175 -14.04 19.96 -0.70
N SER C 176 -14.74 18.86 -0.78
CA SER C 176 -16.15 18.86 -1.09
C SER C 176 -16.84 17.94 -0.09
N LEU C 177 -17.85 18.36 0.69
CA LEU C 177 -18.63 17.53 1.62
C LEU C 177 -20.06 17.56 1.12
N THR C 178 -20.72 16.48 0.71
CA THR C 178 -22.12 16.63 0.37
C THR C 178 -22.97 15.72 1.27
N TYR C 179 -24.14 16.25 1.65
CA TYR C 179 -25.13 15.50 2.39
C TYR C 179 -26.19 15.20 1.36
N PRO C 180 -26.54 13.95 1.22
CA PRO C 180 -27.24 13.50 0.07
C PRO C 180 -28.72 13.80 0.09
N ASN C 181 -29.19 15.03 0.32
CA ASN C 181 -30.60 15.34 0.13
C ASN C 181 -30.80 16.83 -0.02
N GLU D 1 -29.51 17.54 -2.45
CA GLU D 1 -28.11 17.22 -2.30
C GLU D 1 -27.67 18.53 -1.73
N THR D 2 -27.01 18.65 -0.59
CA THR D 2 -26.55 19.95 -0.17
C THR D 2 -25.01 19.81 0.00
N SER D 3 -24.22 20.62 -0.72
CA SER D 3 -22.76 20.48 -0.74
C SER D 3 -22.03 21.63 -0.07
N TYR D 4 -20.85 21.41 0.49
CA TYR D 4 -20.02 22.47 1.07
C TYR D 4 -18.64 22.32 0.42
N THR D 5 -17.97 23.42 0.08
CA THR D 5 -16.70 23.34 -0.62
C THR D 5 -15.67 24.35 -0.13
N LEU D 6 -14.40 24.00 -0.25
CA LEU D 6 -13.33 24.86 0.19
C LEU D 6 -12.16 24.57 -0.74
N ASN D 7 -11.42 25.50 -1.34
CA ASN D 7 -10.26 25.18 -2.18
C ASN D 7 -9.22 26.13 -1.64
N GLU D 8 -7.95 25.72 -1.52
CA GLU D 8 -6.90 26.65 -1.13
C GLU D 8 -5.62 26.24 -1.87
N VAL D 9 -4.69 27.19 -2.14
CA VAL D 9 -3.39 26.87 -2.75
C VAL D 9 -2.49 26.50 -1.56
N VAL D 10 -2.02 25.25 -1.49
CA VAL D 10 -1.12 24.88 -0.45
C VAL D 10 -0.01 24.15 -1.17
N PRO D 11 1.20 24.72 -1.20
CA PRO D 11 2.37 24.11 -1.82
C PRO D 11 2.90 23.04 -0.89
N LEU D 12 2.36 21.84 -1.02
CA LEU D 12 2.70 20.73 -0.16
C LEU D 12 4.15 20.46 -0.05
N LYS D 13 4.96 20.62 -1.12
CA LYS D 13 6.35 20.28 -0.91
C LYS D 13 7.05 21.24 0.06
N GLU D 14 6.46 22.37 0.44
CA GLU D 14 7.09 23.18 1.47
C GLU D 14 6.79 22.64 2.87
N PHE D 15 5.81 21.75 3.02
CA PHE D 15 5.38 21.35 4.38
C PHE D 15 5.59 19.91 4.79
N VAL D 16 5.30 18.93 3.92
CA VAL D 16 5.41 17.52 4.29
C VAL D 16 6.72 16.86 3.82
N PRO D 17 7.20 15.72 4.34
CA PRO D 17 8.33 15.01 3.77
C PRO D 17 7.95 14.47 2.39
N GLU D 18 8.94 13.91 1.70
CA GLU D 18 8.71 13.28 0.43
C GLU D 18 7.90 12.00 0.54
N TRP D 19 8.12 11.27 1.62
CA TRP D 19 7.39 10.07 1.89
C TRP D 19 6.52 10.41 3.08
N VAL D 20 5.26 9.98 3.00
CA VAL D 20 4.25 10.30 4.02
C VAL D 20 3.35 9.12 4.38
N ARG D 21 2.68 9.18 5.54
CA ARG D 21 1.57 8.27 5.77
C ARG D 21 0.32 9.12 5.81
N ILE D 22 -0.79 8.60 5.30
CA ILE D 22 -2.06 9.35 5.29
C ILE D 22 -2.99 8.63 6.25
N GLY D 23 -4.08 9.25 6.74
CA GLY D 23 -4.97 8.58 7.68
C GLY D 23 -6.04 9.49 8.23
N PHE D 24 -6.69 9.04 9.27
CA PHE D 24 -7.78 9.77 9.88
C PHE D 24 -7.45 9.89 11.34
N SER D 25 -7.97 10.96 11.89
CA SER D 25 -7.86 11.21 13.31
C SER D 25 -9.23 11.68 13.82
N ALA D 26 -9.63 11.35 15.05
CA ALA D 26 -10.89 11.88 15.60
C ALA D 26 -10.72 11.99 17.10
N THR D 27 -11.15 13.09 17.74
CA THR D 27 -11.04 13.16 19.17
C THR D 27 -12.35 13.58 19.87
N THR D 28 -12.37 13.41 21.20
CA THR D 28 -13.44 13.96 22.01
C THR D 28 -12.75 14.63 23.20
N GLY D 29 -13.42 15.52 23.90
CA GLY D 29 -12.83 16.16 25.05
C GLY D 29 -13.90 16.14 26.12
N ALA D 30 -14.38 17.33 26.48
CA ALA D 30 -15.41 17.43 27.53
C ALA D 30 -16.73 17.02 26.90
N GLU D 31 -16.91 17.35 25.62
CA GLU D 31 -18.09 16.93 24.87
C GLU D 31 -17.64 15.83 23.93
N PHE D 32 -18.54 15.03 23.38
CA PHE D 32 -18.16 13.84 22.64
C PHE D 32 -19.13 13.48 21.54
N ALA D 33 -18.88 12.39 20.82
CA ALA D 33 -19.69 11.90 19.72
C ALA D 33 -18.89 10.76 19.12
N ALA D 34 -19.55 9.81 18.44
CA ALA D 34 -18.90 8.71 17.71
C ALA D 34 -18.54 9.24 16.32
N HIS D 35 -17.35 8.86 15.83
CA HIS D 35 -16.83 9.28 14.52
C HIS D 35 -16.52 7.98 13.83
N GLU D 36 -17.17 7.69 12.72
CA GLU D 36 -16.94 6.47 11.98
C GLU D 36 -16.74 6.74 10.51
N VAL D 37 -16.08 5.85 9.78
CA VAL D 37 -15.85 6.01 8.35
C VAL D 37 -16.37 4.70 7.83
N LEU D 38 -17.23 4.79 6.82
CA LEU D 38 -17.88 3.65 6.22
C LEU D 38 -17.13 3.12 5.02
N SER D 39 -16.40 3.98 4.28
CA SER D 39 -15.68 3.53 3.12
C SER D 39 -14.58 4.53 2.84
N TRP D 40 -13.52 4.11 2.15
CA TRP D 40 -12.37 4.94 1.87
C TRP D 40 -11.71 4.54 0.57
N TYR D 41 -11.46 5.49 -0.35
CA TYR D 41 -10.76 5.28 -1.60
C TYR D 41 -9.62 6.29 -1.67
N PHE D 42 -8.44 5.98 -2.24
CA PHE D 42 -7.32 6.93 -2.41
C PHE D 42 -6.54 6.61 -3.68
N HIS D 43 -5.97 7.59 -4.34
CA HIS D 43 -5.13 7.31 -5.48
C HIS D 43 -4.09 8.38 -5.60
N SER D 44 -2.79 8.15 -5.56
CA SER D 44 -1.81 9.19 -5.84
C SER D 44 -0.99 8.76 -7.04
N GLU D 45 -0.43 9.76 -7.70
CA GLU D 45 0.29 9.65 -8.96
C GLU D 45 1.41 10.69 -9.01
N LEU D 46 2.66 10.26 -8.84
CA LEU D 46 3.83 11.13 -8.93
C LEU D 46 4.52 10.89 -10.26
N ALA D 47 4.49 11.91 -11.12
CA ALA D 47 5.09 11.94 -12.44
C ALA D 47 6.57 11.69 -12.30
N GLY D 48 6.93 10.56 -12.89
CA GLY D 48 8.28 10.02 -12.89
C GLY D 48 8.88 9.54 -11.56
N THR D 49 8.63 10.23 -10.45
CA THR D 49 9.72 10.30 -9.51
C THR D 49 10.17 9.75 -8.15
N SER D 50 11.04 8.75 -8.19
CA SER D 50 11.74 8.38 -6.98
C SER D 50 13.15 8.81 -7.37
N SER D 51 13.77 9.63 -6.50
CA SER D 51 15.09 10.17 -6.73
C SER D 51 15.60 10.97 -5.53
#